data_2C40
#
_entry.id   2C40
#
_cell.length_a   78.154
_cell.length_b   78.154
_cell.length_c   203.626
_cell.angle_alpha   90.00
_cell.angle_beta   90.00
_cell.angle_gamma   120.00
#
_symmetry.space_group_name_H-M   'P 32 2 1'
#
loop_
_entity.id
_entity.type
_entity.pdbx_description
1 polymer 'INOSINE-URIDINE PREFERRING NUCLEOSIDE HYDROLASE FAMILY PROTEIN'
2 non-polymer 'CALCIUM ION'
3 non-polymer alpha-D-ribofuranose
4 water water
#
_entity_poly.entity_id   1
_entity_poly.type   'polypeptide(L)'
_entity_poly.pdbx_seq_one_letter_code
;MKKVYFNHDGGVDDLVSLFLLLQMDNVELTGVSVIPADCYLEPAMSASRKIIDRFGKNTIEVAASNSRGKNPFPKDWRMH
AFYVDALPILNESGKVVTHVAAKPAHHHLIETLLQTEEKTTLLFTGPLTDLARALYEAPIIENKIKRLVWMGGTFRTAGN
VHEPEHDGTAEWNSFWDPEAVARVWEANIEIDLITLESTNQVPLTIDIREQWAKERKYIGIDFLGQCYAIVPPLVHFAKN
STYYLWDVLTAAFVGKADLAKVQTINSIVHTYGPSQGRTVETDDGRPVHVVYDVNHDRFFDYITRLAKKVST
;
_entity_poly.pdbx_strand_id   A,B
#
# COMPACT_ATOMS: atom_id res chain seq x y z
N MET A 1 8.44 -31.24 17.38
CA MET A 1 7.66 -30.02 17.73
C MET A 1 8.42 -28.96 18.52
N LYS A 2 8.63 -27.81 17.93
CA LYS A 2 9.43 -26.74 18.57
C LYS A 2 8.49 -25.72 19.18
N LYS A 3 8.70 -25.41 20.46
CA LYS A 3 8.08 -24.29 21.11
C LYS A 3 8.85 -23.03 20.66
N VAL A 4 8.12 -22.03 20.18
CA VAL A 4 8.70 -20.82 19.61
C VAL A 4 7.97 -19.62 20.21
N TYR A 5 8.74 -18.66 20.67
CA TYR A 5 8.24 -17.35 21.04
C TYR A 5 8.70 -16.37 19.99
N PHE A 6 7.77 -15.62 19.41
CA PHE A 6 7.99 -14.75 18.25
C PHE A 6 7.83 -13.27 18.62
N ASN A 7 8.93 -12.51 18.51
CA ASN A 7 8.91 -11.04 18.67
C ASN A 7 9.15 -10.40 17.30
N HIS A 8 8.24 -9.54 16.84
CA HIS A 8 8.35 -8.95 15.49
C HIS A 8 8.07 -7.48 15.53
N ASP A 9 8.48 -6.75 14.48
CA ASP A 9 8.17 -5.31 14.43
C ASP A 9 7.25 -4.88 13.30
N GLY A 10 6.36 -5.77 12.89
CA GLY A 10 5.16 -5.41 12.13
C GLY A 10 5.33 -4.82 10.75
N GLY A 11 6.51 -4.96 10.13
CA GLY A 11 6.65 -4.76 8.67
C GLY A 11 5.81 -5.83 7.95
N VAL A 12 5.68 -5.68 6.65
CA VAL A 12 4.96 -6.67 5.82
C VAL A 12 5.52 -8.07 6.01
N ASP A 13 6.84 -8.21 6.05
N ASP A 13 6.83 -8.20 6.08
CA ASP A 13 7.40 -9.58 6.12
CA ASP A 13 7.47 -9.52 6.18
C ASP A 13 7.35 -10.19 7.55
C ASP A 13 7.28 -10.17 7.53
N ASP A 14 7.24 -9.34 8.58
CA ASP A 14 6.95 -9.80 9.94
C ASP A 14 5.57 -10.40 10.01
N LEU A 15 4.61 -9.74 9.41
CA LEU A 15 3.23 -10.16 9.46
C LEU A 15 2.98 -11.37 8.57
N VAL A 16 3.64 -11.40 7.44
CA VAL A 16 3.62 -12.58 6.60
C VAL A 16 4.26 -13.78 7.32
N SER A 17 5.28 -13.50 8.14
CA SER A 17 5.99 -14.54 8.86
C SER A 17 5.07 -15.12 9.90
N LEU A 18 4.34 -14.27 10.63
CA LEU A 18 3.34 -14.76 11.57
C LEU A 18 2.36 -15.69 10.90
N PHE A 19 1.79 -15.26 9.78
CA PHE A 19 0.85 -16.09 9.04
C PHE A 19 1.45 -17.44 8.64
N LEU A 20 2.70 -17.45 8.18
CA LEU A 20 3.30 -18.72 7.78
C LEU A 20 3.71 -19.60 8.98
N LEU A 21 4.22 -19.02 10.07
CA LEU A 21 4.56 -19.82 11.27
C LEU A 21 3.35 -20.65 11.70
N LEU A 22 2.19 -20.02 11.54
CA LEU A 22 0.95 -20.57 12.00
C LEU A 22 0.50 -21.83 11.17
N GLN A 23 1.06 -22.00 9.98
CA GLN A 23 0.77 -23.15 9.12
C GLN A 23 1.80 -24.28 9.30
N MET A 24 2.91 -23.98 9.98
CA MET A 24 3.94 -25.00 10.25
C MET A 24 3.47 -26.02 11.30
N ASP A 25 3.36 -27.28 10.88
CA ASP A 25 2.96 -28.39 11.73
C ASP A 25 3.96 -28.71 12.85
N ASN A 26 5.21 -28.31 12.64
CA ASN A 26 6.33 -28.65 13.56
C ASN A 26 6.68 -27.47 14.49
N VAL A 27 5.82 -26.45 14.51
CA VAL A 27 5.98 -25.28 15.36
C VAL A 27 4.73 -24.98 16.19
N GLU A 28 4.97 -24.68 17.45
CA GLU A 28 3.92 -24.28 18.35
C GLU A 28 4.34 -22.96 18.92
N LEU A 29 3.63 -21.92 18.51
CA LEU A 29 3.87 -20.57 18.98
C LEU A 29 3.36 -20.50 20.42
N THR A 30 4.25 -20.23 21.38
CA THR A 30 3.88 -20.06 22.77
C THR A 30 3.47 -18.63 23.14
N GLY A 31 3.92 -17.68 22.33
CA GLY A 31 3.68 -16.30 22.57
C GLY A 31 4.06 -15.51 21.35
N VAL A 32 3.39 -14.37 21.16
CA VAL A 32 3.72 -13.42 20.11
C VAL A 32 3.78 -12.08 20.78
N SER A 33 4.74 -11.25 20.40
CA SER A 33 4.77 -9.86 20.83
C SER A 33 5.25 -8.89 19.75
N VAL A 34 4.79 -7.65 19.87
CA VAL A 34 5.03 -6.66 18.82
C VAL A 34 5.85 -5.54 19.40
N ILE A 35 6.93 -5.18 18.72
CA ILE A 35 7.71 -4.00 19.10
C ILE A 35 7.51 -2.91 18.03
N PRO A 36 7.22 -1.66 18.46
CA PRO A 36 6.95 -0.59 17.51
C PRO A 36 8.20 0.03 16.83
N ALA A 37 8.94 -0.79 16.09
CA ALA A 37 10.18 -0.36 15.48
C ALA A 37 9.88 -0.02 14.02
N ASP A 38 9.79 -1.02 13.14
CA ASP A 38 9.39 -0.75 11.75
C ASP A 38 7.87 -0.75 11.57
N CYS A 39 7.18 -0.24 12.57
CA CYS A 39 5.73 -0.22 12.58
C CYS A 39 5.26 0.76 13.64
N TYR A 40 4.03 1.21 13.48
CA TYR A 40 3.25 1.81 14.54
C TYR A 40 2.56 0.68 15.30
N LEU A 41 2.52 0.80 16.63
CA LEU A 41 2.08 -0.31 17.48
C LEU A 41 0.64 -0.76 17.25
N GLU A 42 -0.27 0.18 17.13
CA GLU A 42 -1.69 -0.17 17.02
C GLU A 42 -2.07 -1.02 15.80
N PRO A 43 -1.76 -0.57 14.55
CA PRO A 43 -2.06 -1.45 13.41
C PRO A 43 -1.34 -2.79 13.40
N ALA A 44 -0.13 -2.86 13.96
CA ALA A 44 0.64 -4.10 14.01
C ALA A 44 0.02 -5.11 15.02
N MET A 45 -0.39 -4.58 16.17
CA MET A 45 -1.11 -5.37 17.17
C MET A 45 -2.37 -5.90 16.55
N SER A 46 -3.21 -5.02 15.98
CA SER A 46 -4.48 -5.49 15.39
C SER A 46 -4.22 -6.51 14.32
N ALA A 47 -3.32 -6.20 13.38
CA ALA A 47 -3.05 -7.11 12.25
C ALA A 47 -2.61 -8.50 12.71
N SER A 48 -1.73 -8.54 13.71
CA SER A 48 -1.30 -9.84 14.36
C SER A 48 -2.46 -10.61 14.97
N ARG A 49 -3.32 -9.91 15.71
CA ARG A 49 -4.49 -10.54 16.30
C ARG A 49 -5.46 -11.10 15.28
N LYS A 50 -5.72 -10.33 14.22
CA LYS A 50 -6.61 -10.75 13.13
C LYS A 50 -6.01 -11.91 12.31
N ILE A 51 -4.70 -11.94 12.22
CA ILE A 51 -4.02 -13.03 11.48
C ILE A 51 -4.16 -14.33 12.26
N ILE A 52 -4.00 -14.23 13.58
CA ILE A 52 -4.12 -15.39 14.45
C ILE A 52 -5.58 -15.85 14.42
N ASP A 53 -6.53 -14.92 14.52
CA ASP A 53 -7.94 -15.28 14.40
C ASP A 53 -8.26 -16.05 13.11
N ARG A 54 -7.89 -15.47 11.98
N ARG A 54 -7.89 -15.48 11.98
CA ARG A 54 -8.29 -16.04 10.69
CA ARG A 54 -8.33 -16.05 10.69
C ARG A 54 -7.51 -17.31 10.35
C ARG A 54 -7.47 -17.22 10.21
N PHE A 55 -6.21 -17.29 10.63
CA PHE A 55 -5.31 -18.29 10.11
C PHE A 55 -4.59 -19.12 11.18
N GLY A 56 -4.87 -18.84 12.44
CA GLY A 56 -4.19 -19.53 13.54
C GLY A 56 -4.95 -20.77 13.98
N LYS A 57 -4.38 -21.50 14.95
CA LYS A 57 -4.95 -22.74 15.50
C LYS A 57 -5.36 -22.56 16.98
N ASN A 58 -4.41 -22.73 17.90
CA ASN A 58 -4.74 -22.71 19.31
C ASN A 58 -5.03 -21.26 19.73
N THR A 59 -5.51 -21.09 20.96
CA THR A 59 -5.73 -19.78 21.57
C THR A 59 -4.34 -19.25 22.02
N ILE A 60 -3.89 -18.11 21.49
CA ILE A 60 -2.72 -17.40 22.04
C ILE A 60 -3.01 -15.91 22.20
N GLU A 61 -2.09 -15.20 22.84
CA GLU A 61 -2.22 -13.76 23.04
C GLU A 61 -1.04 -13.02 22.43
N VAL A 62 -1.28 -11.76 22.09
CA VAL A 62 -0.27 -10.88 21.51
C VAL A 62 0.04 -9.78 22.54
N ALA A 63 1.31 -9.67 22.95
CA ALA A 63 1.74 -8.65 23.86
C ALA A 63 2.31 -7.44 23.14
N ALA A 64 2.04 -6.28 23.70
CA ALA A 64 2.59 -5.02 23.23
C ALA A 64 3.85 -4.65 23.99
N SER A 65 4.92 -4.35 23.24
CA SER A 65 6.15 -3.82 23.83
C SER A 65 5.98 -2.40 24.34
N ASN A 66 6.74 -2.02 25.37
CA ASN A 66 6.84 -0.59 25.73
C ASN A 66 8.28 -0.16 25.59
N SER A 67 9.03 -0.97 24.83
CA SER A 67 10.42 -0.66 24.52
C SER A 67 10.45 0.53 23.61
N ARG A 68 11.47 1.35 23.77
CA ARG A 68 11.71 2.47 22.90
C ARG A 68 13.04 2.30 22.20
N GLY A 69 13.14 2.81 20.98
CA GLY A 69 14.37 2.70 20.19
C GLY A 69 15.30 3.87 20.33
N LYS A 70 16.58 3.61 20.07
CA LYS A 70 17.61 4.66 20.01
C LYS A 70 17.56 5.40 18.69
N ASN A 71 17.35 4.63 17.61
CA ASN A 71 17.40 5.16 16.26
C ASN A 71 16.16 4.71 15.50
N PRO A 72 15.07 5.52 15.54
CA PRO A 72 13.79 5.12 14.92
C PRO A 72 13.84 4.80 13.40
N PHE A 73 13.00 3.89 12.92
CA PHE A 73 12.88 3.59 11.48
C PHE A 73 12.26 4.75 10.72
N PRO A 74 12.50 4.83 9.38
CA PRO A 74 11.85 5.85 8.57
C PRO A 74 10.33 5.78 8.67
N LYS A 75 9.63 6.91 8.72
CA LYS A 75 8.18 6.88 8.88
C LYS A 75 7.50 6.06 7.79
N ASP A 76 7.95 6.20 6.54
CA ASP A 76 7.17 5.62 5.41
C ASP A 76 7.18 4.10 5.43
N TRP A 77 8.26 3.49 5.92
CA TRP A 77 8.31 2.03 6.16
C TRP A 77 7.35 1.61 7.26
N ARG A 78 7.30 2.43 8.30
CA ARG A 78 6.46 2.15 9.47
C ARG A 78 4.92 2.11 9.23
N MET A 79 4.46 2.72 8.16
CA MET A 79 3.04 2.78 7.84
C MET A 79 2.44 1.45 7.38
N HIS A 80 3.27 0.51 6.95
CA HIS A 80 2.83 -0.65 6.17
C HIS A 80 1.79 -1.53 6.88
N ALA A 81 1.90 -1.59 8.21
CA ALA A 81 0.94 -2.30 9.06
C ALA A 81 -0.46 -1.77 8.94
N PHE A 82 -0.63 -0.43 8.78
CA PHE A 82 -1.94 0.17 8.56
C PHE A 82 -2.65 -0.46 7.40
N TYR A 83 -1.90 -0.75 6.36
CA TYR A 83 -2.43 -1.31 5.15
C TYR A 83 -2.78 -2.74 5.34
N VAL A 84 -1.88 -3.53 5.93
CA VAL A 84 -2.19 -4.95 6.13
C VAL A 84 -3.43 -5.11 7.03
N ASP A 85 -3.50 -4.32 8.09
CA ASP A 85 -4.65 -4.30 9.06
C ASP A 85 -5.98 -3.95 8.42
N ALA A 86 -5.90 -3.12 7.37
CA ALA A 86 -7.10 -2.72 6.64
C ALA A 86 -7.51 -3.67 5.52
N LEU A 87 -6.79 -4.78 5.31
CA LEU A 87 -7.15 -5.71 4.23
C LEU A 87 -8.47 -6.51 4.56
N PRO A 88 -9.38 -6.63 3.56
CA PRO A 88 -10.69 -7.23 3.82
C PRO A 88 -10.60 -8.66 4.37
N ILE A 89 -9.71 -9.47 3.81
CA ILE A 89 -9.50 -10.82 4.32
C ILE A 89 -9.41 -10.84 5.85
N LEU A 90 -8.78 -9.82 6.43
CA LEU A 90 -8.53 -9.73 7.88
C LEU A 90 -9.66 -9.09 8.69
N ASN A 91 -10.60 -8.45 7.99
CA ASN A 91 -11.70 -7.72 8.60
C ASN A 91 -13.07 -8.35 8.33
N GLU A 92 -13.06 -9.45 7.56
CA GLU A 92 -14.27 -10.11 7.17
C GLU A 92 -15.13 -10.60 8.36
N SER A 93 -14.49 -11.04 9.45
CA SER A 93 -15.17 -11.58 10.67
C SER A 93 -15.84 -10.53 11.50
N GLY A 94 -15.42 -9.29 11.36
CA GLY A 94 -16.02 -8.18 12.09
C GLY A 94 -15.80 -8.20 13.60
N LYS A 95 -14.83 -8.99 14.07
CA LYS A 95 -14.49 -9.07 15.47
C LYS A 95 -13.03 -9.46 15.55
N VAL A 96 -12.41 -9.12 16.69
CA VAL A 96 -11.05 -9.53 17.01
C VAL A 96 -11.13 -10.31 18.30
N VAL A 97 -10.78 -11.59 18.23
CA VAL A 97 -10.96 -12.49 19.36
C VAL A 97 -9.70 -12.64 20.18
N THR A 98 -8.52 -12.69 19.57
CA THR A 98 -7.31 -12.96 20.35
C THR A 98 -6.98 -11.72 21.18
N HIS A 99 -6.55 -11.97 22.40
CA HIS A 99 -6.41 -10.94 23.38
C HIS A 99 -5.03 -10.36 23.37
N VAL A 100 -4.97 -9.07 23.64
CA VAL A 100 -3.77 -8.42 24.06
C VAL A 100 -3.37 -8.96 25.44
N ALA A 101 -2.13 -9.43 25.57
CA ALA A 101 -1.62 -9.91 26.84
C ALA A 101 -1.60 -8.73 27.86
N ALA A 102 -1.78 -9.05 29.14
CA ALA A 102 -1.85 -8.05 30.21
C ALA A 102 -0.49 -7.39 30.44
N LYS A 103 0.60 -8.14 30.30
CA LYS A 103 1.97 -7.60 30.49
C LYS A 103 2.63 -7.06 29.24
N PRO A 104 3.54 -6.10 29.43
CA PRO A 104 4.34 -5.66 28.28
C PRO A 104 5.24 -6.79 27.76
N ALA A 105 5.63 -6.70 26.49
CA ALA A 105 6.34 -7.78 25.80
C ALA A 105 7.53 -8.40 26.56
N HIS A 106 8.39 -7.59 27.15
CA HIS A 106 9.58 -8.14 27.84
C HIS A 106 9.23 -8.97 29.06
N HIS A 107 8.20 -8.53 29.81
CA HIS A 107 7.65 -9.27 30.91
C HIS A 107 6.87 -10.50 30.46
N HIS A 108 6.10 -10.33 29.41
CA HIS A 108 5.39 -11.43 28.78
C HIS A 108 6.36 -12.55 28.37
N LEU A 109 7.47 -12.15 27.76
CA LEU A 109 8.48 -13.08 27.31
C LEU A 109 9.03 -13.90 28.49
N ILE A 110 9.37 -13.21 29.58
CA ILE A 110 9.90 -13.86 30.78
C ILE A 110 8.92 -14.90 31.32
N GLU A 111 7.67 -14.48 31.49
CA GLU A 111 6.64 -15.33 32.13
C GLU A 111 6.31 -16.53 31.23
N THR A 112 6.25 -16.31 29.91
CA THR A 112 6.02 -17.41 28.98
C THR A 112 7.18 -18.41 29.06
N LEU A 113 8.40 -17.90 28.96
CA LEU A 113 9.56 -18.77 28.92
C LEU A 113 9.62 -19.60 30.19
N LEU A 114 9.44 -18.95 31.33
CA LEU A 114 9.51 -19.66 32.60
C LEU A 114 8.31 -20.57 32.86
N GLN A 115 7.15 -20.25 32.32
CA GLN A 115 5.97 -21.10 32.50
C GLN A 115 5.96 -22.34 31.59
N THR A 116 6.60 -22.30 30.43
CA THR A 116 6.68 -23.49 29.56
C THR A 116 7.82 -24.39 30.02
N GLU A 117 7.50 -25.68 30.21
CA GLU A 117 8.43 -26.66 30.78
C GLU A 117 9.70 -26.92 29.95
N GLU A 118 9.54 -27.11 28.64
CA GLU A 118 10.67 -27.36 27.78
C GLU A 118 11.31 -26.00 27.50
N LYS A 119 12.54 -26.00 26.98
CA LYS A 119 13.18 -24.82 26.42
C LYS A 119 12.40 -24.31 25.19
N THR A 120 12.42 -23.00 24.95
CA THR A 120 11.77 -22.44 23.75
C THR A 120 12.76 -21.74 22.84
N THR A 121 12.52 -21.87 21.52
CA THR A 121 13.27 -21.11 20.53
C THR A 121 12.71 -19.69 20.39
N LEU A 122 13.60 -18.69 20.49
CA LEU A 122 13.25 -17.28 20.31
C LEU A 122 13.50 -16.87 18.87
N LEU A 123 12.48 -16.28 18.27
CA LEU A 123 12.52 -15.84 16.91
C LEU A 123 12.23 -14.33 16.96
N PHE A 124 13.23 -13.52 16.62
CA PHE A 124 13.10 -12.07 16.60
C PHE A 124 13.37 -11.59 15.17
N THR A 125 12.35 -10.91 14.61
CA THR A 125 12.43 -10.36 13.30
C THR A 125 12.41 -8.81 13.27
N GLY A 126 12.37 -8.17 14.43
CA GLY A 126 12.69 -6.78 14.61
C GLY A 126 13.95 -6.64 15.48
N PRO A 127 14.20 -5.42 16.03
CA PRO A 127 15.26 -5.15 17.00
C PRO A 127 15.23 -6.07 18.24
N LEU A 128 16.30 -6.08 19.03
CA LEU A 128 16.42 -7.02 20.14
C LEU A 128 16.04 -6.46 21.50
N THR A 129 15.47 -5.26 21.57
CA THR A 129 15.37 -4.59 22.86
C THR A 129 14.40 -5.23 23.88
N ASP A 130 13.32 -5.87 23.41
CA ASP A 130 12.45 -6.62 24.38
C ASP A 130 13.24 -7.78 25.04
N LEU A 131 14.13 -8.43 24.29
CA LEU A 131 14.98 -9.47 24.84
C LEU A 131 16.11 -8.96 25.74
N ALA A 132 16.80 -7.91 25.34
CA ALA A 132 17.85 -7.29 26.16
C ALA A 132 17.29 -7.00 27.52
N ARG A 133 16.10 -6.42 27.48
CA ARG A 133 15.39 -5.99 28.67
C ARG A 133 14.95 -7.15 29.56
N ALA A 134 14.39 -8.19 28.95
CA ALA A 134 14.07 -9.47 29.59
C ALA A 134 15.27 -10.06 30.32
N LEU A 135 16.40 -10.06 29.64
CA LEU A 135 17.65 -10.58 30.17
C LEU A 135 18.20 -9.74 31.32
N TYR A 136 18.09 -8.44 31.18
CA TYR A 136 18.56 -7.54 32.24
C TYR A 136 17.79 -7.80 33.55
N GLU A 137 16.48 -7.95 33.47
CA GLU A 137 15.64 -8.14 34.65
C GLU A 137 15.63 -9.57 35.19
N ALA A 138 15.67 -10.53 34.28
CA ALA A 138 15.58 -11.95 34.65
C ALA A 138 16.56 -12.79 33.84
N PRO A 139 17.85 -12.70 34.14
CA PRO A 139 18.80 -13.51 33.38
C PRO A 139 18.65 -15.07 33.48
N ILE A 140 17.93 -15.55 34.50
CA ILE A 140 17.58 -16.98 34.61
C ILE A 140 17.00 -17.55 33.30
N ILE A 141 16.40 -16.67 32.53
CA ILE A 141 15.77 -16.99 31.26
C ILE A 141 16.73 -17.63 30.22
N GLU A 142 18.03 -17.34 30.33
CA GLU A 142 19.02 -18.10 29.56
C GLU A 142 18.78 -19.61 29.66
N ASN A 143 18.40 -20.08 30.84
CA ASN A 143 18.11 -21.49 31.09
C ASN A 143 16.96 -22.04 30.29
N LYS A 144 16.03 -21.18 29.86
CA LYS A 144 14.87 -21.62 29.08
C LYS A 144 14.96 -21.32 27.58
N ILE A 145 16.07 -20.76 27.14
CA ILE A 145 16.28 -20.42 25.73
C ILE A 145 17.08 -21.49 25.01
N LYS A 146 16.42 -22.20 24.10
CA LYS A 146 17.05 -23.22 23.27
C LYS A 146 18.04 -22.53 22.37
N ARG A 147 17.57 -21.50 21.70
CA ARG A 147 18.43 -20.63 20.92
C ARG A 147 17.63 -19.41 20.49
N LEU A 148 18.37 -18.42 20.02
CA LEU A 148 17.80 -17.21 19.39
C LEU A 148 18.06 -17.33 17.89
N VAL A 149 17.02 -17.18 17.10
CA VAL A 149 17.14 -16.93 15.67
C VAL A 149 16.71 -15.51 15.43
N TRP A 150 17.62 -14.72 14.85
CA TRP A 150 17.44 -13.30 14.68
C TRP A 150 17.80 -12.86 13.27
N MET A 151 16.92 -12.04 12.72
CA MET A 151 17.18 -11.23 11.56
C MET A 151 17.91 -9.97 12.01
N GLY A 152 19.18 -9.90 11.71
CA GLY A 152 19.97 -8.72 12.04
C GLY A 152 21.38 -8.85 11.51
N GLY A 153 22.02 -7.68 11.40
CA GLY A 153 23.45 -7.58 11.12
C GLY A 153 23.78 -7.71 9.67
N THR A 154 25.05 -7.41 9.37
CA THR A 154 25.69 -7.67 8.09
C THR A 154 27.22 -7.64 8.25
N PHE A 155 27.88 -8.43 7.42
CA PHE A 155 29.35 -8.51 7.41
C PHE A 155 29.92 -8.04 6.08
N ARG A 156 29.07 -7.52 5.20
CA ARG A 156 29.52 -6.66 4.10
C ARG A 156 29.98 -5.29 4.60
N THR A 157 30.72 -4.59 3.75
CA THR A 157 31.21 -3.24 4.01
C THR A 157 30.12 -2.15 4.15
N ALA A 158 28.94 -2.41 3.60
CA ALA A 158 27.83 -1.49 3.77
C ALA A 158 26.56 -2.22 4.08
N GLY A 159 25.70 -1.55 4.86
CA GLY A 159 24.40 -2.07 5.28
C GLY A 159 23.23 -1.39 4.60
N ASN A 160 22.07 -1.40 5.24
CA ASN A 160 20.84 -0.81 4.62
C ASN A 160 20.37 0.40 5.41
N VAL A 161 21.22 0.83 6.34
CA VAL A 161 21.00 2.08 7.09
C VAL A 161 21.72 3.25 6.38
N HIS A 162 20.95 4.22 5.89
CA HIS A 162 21.54 5.40 5.26
C HIS A 162 20.91 6.64 5.91
N GLU A 163 21.49 7.05 7.05
CA GLU A 163 20.87 8.00 7.96
C GLU A 163 21.89 8.98 8.51
N PRO A 164 21.41 10.16 8.91
CA PRO A 164 22.37 11.09 9.52
C PRO A 164 23.02 10.47 10.79
N GLU A 165 24.22 10.93 11.07
CA GLU A 165 25.07 10.41 12.15
C GLU A 165 25.62 9.00 11.93
N HIS A 166 25.31 8.33 10.83
CA HIS A 166 25.76 6.99 10.66
C HIS A 166 26.71 6.84 9.47
N ASP A 167 27.70 5.96 9.58
CA ASP A 167 28.68 5.72 8.50
C ASP A 167 28.25 4.71 7.43
N GLY A 168 27.04 4.17 7.52
CA GLY A 168 26.47 3.32 6.50
C GLY A 168 26.94 1.88 6.51
N THR A 169 27.31 1.36 7.69
CA THR A 169 27.89 0.03 7.82
C THR A 169 27.00 -0.94 8.61
N ALA A 170 25.90 -0.46 9.18
CA ALA A 170 25.01 -1.29 10.01
C ALA A 170 23.75 -1.70 9.25
N GLU A 171 23.11 -2.71 9.81
CA GLU A 171 21.81 -3.19 9.38
C GLU A 171 20.78 -2.62 10.36
N TRP A 172 19.54 -2.41 9.88
CA TRP A 172 18.50 -1.70 10.63
C TRP A 172 18.06 -2.27 11.98
N ASN A 173 17.80 -3.57 12.06
CA ASN A 173 17.39 -4.14 13.36
C ASN A 173 18.46 -3.94 14.45
N SER A 174 19.74 -4.01 14.08
N SER A 174 19.73 -4.03 14.07
CA SER A 174 20.83 -3.70 14.99
CA SER A 174 20.84 -3.72 14.96
C SER A 174 20.91 -2.21 15.28
C SER A 174 20.92 -2.22 15.27
N PHE A 175 20.91 -1.41 14.23
CA PHE A 175 20.97 0.05 14.37
C PHE A 175 19.86 0.65 15.29
N TRP A 176 18.65 0.09 15.25
CA TRP A 176 17.53 0.63 16.04
C TRP A 176 17.86 0.69 17.51
N ASP A 177 18.61 -0.31 17.98
CA ASP A 177 19.08 -0.35 19.36
C ASP A 177 20.36 -1.23 19.48
N PRO A 178 21.52 -0.61 19.25
CA PRO A 178 22.82 -1.29 19.31
C PRO A 178 23.18 -1.83 20.69
N GLU A 179 22.70 -1.17 21.73
CA GLU A 179 22.96 -1.57 23.11
C GLU A 179 22.27 -2.91 23.40
N ALA A 180 21.05 -3.08 22.88
CA ALA A 180 20.35 -4.30 23.05
C ALA A 180 21.09 -5.47 22.41
N VAL A 181 21.74 -5.21 21.27
CA VAL A 181 22.45 -6.26 20.53
C VAL A 181 23.63 -6.69 21.38
N ALA A 182 24.35 -5.69 21.91
CA ALA A 182 25.46 -5.94 22.81
C ALA A 182 25.09 -6.80 24.01
N ARG A 183 24.01 -6.44 24.70
CA ARG A 183 23.46 -7.23 25.82
C ARG A 183 23.11 -8.69 25.46
N VAL A 184 22.44 -8.84 24.32
CA VAL A 184 22.09 -10.20 23.85
C VAL A 184 23.40 -10.93 23.54
N TRP A 185 24.32 -10.24 22.89
CA TRP A 185 25.60 -10.83 22.55
C TRP A 185 26.38 -11.27 23.81
N GLU A 186 26.22 -10.60 24.95
CA GLU A 186 26.94 -11.03 26.13
C GLU A 186 26.25 -12.22 26.82
N ALA A 187 24.96 -12.43 26.57
CA ALA A 187 24.25 -13.56 27.20
C ALA A 187 24.84 -14.92 26.78
N ASN A 188 24.70 -15.88 27.70
CA ASN A 188 25.02 -17.26 27.42
C ASN A 188 23.87 -17.95 26.67
N ILE A 189 23.77 -17.65 25.38
CA ILE A 189 22.76 -18.20 24.52
C ILE A 189 23.37 -18.51 23.15
N GLU A 190 22.88 -19.55 22.47
CA GLU A 190 23.22 -19.79 21.04
C GLU A 190 22.40 -18.87 20.08
N ILE A 191 23.09 -18.30 19.08
CA ILE A 191 22.51 -17.33 18.15
C ILE A 191 22.71 -17.76 16.69
N ASP A 192 21.58 -18.00 16.02
CA ASP A 192 21.53 -18.11 14.60
C ASP A 192 21.15 -16.72 14.03
N LEU A 193 21.96 -16.25 13.08
CA LEU A 193 21.82 -14.93 12.43
C LEU A 193 21.40 -15.07 10.98
N ILE A 194 20.27 -14.47 10.64
CA ILE A 194 19.96 -14.18 9.22
C ILE A 194 20.38 -12.70 8.95
N THR A 195 21.54 -12.56 8.33
CA THR A 195 22.10 -11.26 7.97
C THR A 195 21.47 -10.73 6.67
N LEU A 196 21.70 -9.46 6.35
CA LEU A 196 21.35 -8.98 5.02
C LEU A 196 21.81 -9.89 3.88
N GLU A 197 23.06 -10.41 3.94
CA GLU A 197 23.68 -11.21 2.86
C GLU A 197 23.06 -12.59 2.74
N SER A 198 22.58 -13.11 3.88
CA SER A 198 22.05 -14.47 4.01
C SER A 198 21.03 -14.78 2.94
N THR A 199 20.35 -13.72 2.50
CA THR A 199 19.19 -13.83 1.65
C THR A 199 19.53 -13.68 0.15
N ASN A 200 20.83 -13.63 -0.21
CA ASN A 200 21.28 -13.31 -1.55
C ASN A 200 20.63 -14.20 -2.61
N GLN A 201 20.44 -15.48 -2.27
CA GLN A 201 19.96 -16.48 -3.21
C GLN A 201 18.42 -16.55 -3.31
N VAL A 202 17.70 -15.73 -2.55
CA VAL A 202 16.25 -15.74 -2.56
C VAL A 202 15.64 -14.33 -2.66
N PRO A 203 15.95 -13.59 -3.75
CA PRO A 203 15.17 -12.33 -4.06
C PRO A 203 13.72 -12.62 -4.40
N LEU A 204 12.81 -11.85 -3.81
CA LEU A 204 11.41 -11.85 -4.28
C LEU A 204 11.44 -11.14 -5.60
N THR A 205 10.94 -11.86 -6.58
CA THR A 205 11.06 -11.49 -7.96
C THR A 205 9.64 -11.27 -8.54
N ILE A 206 9.53 -10.53 -9.63
CA ILE A 206 8.25 -10.37 -10.34
C ILE A 206 7.69 -11.73 -10.78
N ASP A 207 8.55 -12.59 -11.33
CA ASP A 207 8.17 -13.96 -11.71
C ASP A 207 7.55 -14.75 -10.57
N ILE A 208 7.96 -14.47 -9.34
CA ILE A 208 7.41 -15.16 -8.17
C ILE A 208 6.10 -14.55 -7.73
N ARG A 209 6.04 -13.21 -7.75
CA ARG A 209 4.79 -12.48 -7.48
C ARG A 209 3.72 -12.89 -8.48
N GLU A 210 4.07 -12.99 -9.75
CA GLU A 210 3.09 -13.39 -10.75
C GLU A 210 2.59 -14.80 -10.59
N GLN A 211 3.48 -15.72 -10.23
CA GLN A 211 3.15 -17.12 -10.02
C GLN A 211 2.27 -17.30 -8.78
N TRP A 212 2.46 -16.48 -7.77
CA TRP A 212 1.49 -16.38 -6.67
C TRP A 212 0.12 -15.86 -7.08
N ALA A 213 0.09 -14.81 -7.91
CA ALA A 213 -1.16 -14.22 -8.37
C ALA A 213 -2.01 -15.25 -9.15
N LYS A 214 -1.36 -16.06 -9.99
CA LYS A 214 -2.02 -17.14 -10.73
C LYS A 214 -2.75 -18.12 -9.81
N GLU A 215 -2.27 -18.28 -8.58
CA GLU A 215 -2.88 -19.21 -7.62
C GLU A 215 -3.61 -18.53 -6.49
N ARG A 216 -4.10 -17.35 -6.79
CA ARG A 216 -4.95 -16.54 -5.91
C ARG A 216 -6.14 -17.33 -5.35
N LYS A 217 -6.55 -18.38 -6.08
CA LYS A 217 -7.64 -19.29 -5.67
C LYS A 217 -7.42 -19.83 -4.26
N TYR A 218 -6.16 -20.04 -3.88
CA TYR A 218 -5.82 -20.36 -2.50
C TYR A 218 -5.82 -19.07 -1.71
N ILE A 219 -6.65 -19.01 -0.68
CA ILE A 219 -6.86 -17.73 0.03
C ILE A 219 -5.57 -17.24 0.73
N GLY A 220 -4.73 -18.17 1.19
CA GLY A 220 -3.46 -17.81 1.79
C GLY A 220 -2.43 -17.28 0.78
N ILE A 221 -2.47 -17.79 -0.45
CA ILE A 221 -1.66 -17.26 -1.54
C ILE A 221 -2.16 -15.82 -1.90
N ASP A 222 -3.47 -15.67 -2.06
CA ASP A 222 -4.09 -14.36 -2.31
C ASP A 222 -3.68 -13.40 -1.18
N PHE A 223 -3.72 -13.87 0.07
CA PHE A 223 -3.29 -13.04 1.21
C PHE A 223 -1.81 -12.62 1.14
N LEU A 224 -0.92 -13.60 0.86
CA LEU A 224 0.49 -13.31 0.60
C LEU A 224 0.67 -12.25 -0.48
N GLY A 225 -0.01 -12.43 -1.61
CA GLY A 225 0.06 -11.44 -2.67
C GLY A 225 -0.41 -10.03 -2.32
N GLN A 226 -1.49 -9.91 -1.55
CA GLN A 226 -1.96 -8.60 -1.08
C GLN A 226 -0.91 -7.95 -0.21
N CYS A 227 -0.36 -8.72 0.73
CA CYS A 227 0.71 -8.24 1.56
C CYS A 227 1.89 -7.66 0.72
N TYR A 228 2.34 -8.37 -0.33
CA TYR A 228 3.49 -7.92 -1.10
C TYR A 228 3.22 -6.83 -2.16
N ALA A 229 1.95 -6.56 -2.44
CA ALA A 229 1.53 -5.47 -3.30
C ALA A 229 1.89 -4.11 -2.69
N ILE A 230 1.86 -4.09 -1.37
CA ILE A 230 2.25 -2.95 -0.51
C ILE A 230 3.73 -2.56 -0.63
N VAL A 231 4.53 -3.47 -1.14
CA VAL A 231 5.93 -3.27 -1.29
C VAL A 231 6.31 -3.78 -2.71
N PRO A 232 5.69 -3.20 -3.75
CA PRO A 232 5.72 -3.74 -5.09
C PRO A 232 6.99 -3.38 -5.89
N PRO A 233 7.15 -3.98 -7.08
CA PRO A 233 8.29 -3.61 -7.93
C PRO A 233 8.05 -2.19 -8.50
N LEU A 234 9.07 -1.36 -8.56
CA LEU A 234 8.94 0.05 -8.95
C LEU A 234 9.46 0.40 -10.37
N TYR A 243 13.64 -7.40 -4.16
CA TYR A 243 13.31 -7.31 -2.72
C TYR A 243 13.58 -8.67 -2.03
N TYR A 244 14.08 -8.60 -0.82
CA TYR A 244 14.51 -9.78 -0.13
C TYR A 244 13.63 -9.95 1.12
N LEU A 245 13.24 -11.20 1.37
CA LEU A 245 12.28 -11.60 2.39
C LEU A 245 13.04 -12.02 3.64
N TRP A 246 13.70 -11.06 4.24
CA TRP A 246 14.62 -11.34 5.34
C TRP A 246 13.98 -12.00 6.53
N ASP A 247 12.85 -11.46 6.96
CA ASP A 247 12.14 -11.99 8.11
C ASP A 247 11.47 -13.36 7.84
N VAL A 248 10.93 -13.51 6.62
CA VAL A 248 10.25 -14.72 6.21
C VAL A 248 11.27 -15.87 6.17
N LEU A 249 12.49 -15.58 5.73
CA LEU A 249 13.54 -16.54 5.65
C LEU A 249 14.01 -16.94 7.06
N THR A 250 14.07 -15.96 7.95
CA THR A 250 14.38 -16.18 9.37
C THR A 250 13.39 -17.15 10.00
N ALA A 251 12.10 -16.90 9.75
CA ALA A 251 11.00 -17.73 10.26
C ALA A 251 10.99 -19.11 9.63
N ALA A 252 11.34 -19.20 8.33
CA ALA A 252 11.38 -20.47 7.62
C ALA A 252 12.56 -21.35 8.09
N PHE A 253 13.66 -20.70 8.47
CA PHE A 253 14.84 -21.38 9.00
C PHE A 253 14.52 -22.06 10.35
N VAL A 254 13.67 -21.42 11.14
CA VAL A 254 13.17 -22.02 12.38
C VAL A 254 12.33 -23.28 12.05
N GLY A 255 11.45 -23.17 11.06
CA GLY A 255 10.62 -24.30 10.65
C GLY A 255 11.36 -25.37 9.87
N LYS A 256 12.38 -25.00 9.12
CA LYS A 256 13.07 -25.91 8.22
C LYS A 256 14.54 -25.53 8.09
N ALA A 257 15.31 -25.84 9.12
CA ALA A 257 16.74 -25.46 9.20
C ALA A 257 17.53 -25.91 7.96
N ASP A 258 17.09 -27.01 7.38
CA ASP A 258 17.70 -27.65 6.21
C ASP A 258 17.66 -26.89 4.86
N LEU A 259 16.97 -25.75 4.83
CA LEU A 259 16.92 -24.86 3.66
C LEU A 259 18.23 -24.14 3.41
N ALA A 260 19.02 -23.90 4.44
CA ALA A 260 20.24 -23.16 4.30
C ALA A 260 21.37 -23.88 5.04
N LYS A 261 22.55 -23.29 4.97
CA LYS A 261 23.70 -23.72 5.73
C LYS A 261 24.00 -22.65 6.75
N VAL A 262 24.91 -22.96 7.64
CA VAL A 262 25.33 -22.03 8.67
C VAL A 262 26.88 -22.11 8.84
N GLN A 263 27.52 -20.95 8.91
CA GLN A 263 28.94 -20.84 9.24
C GLN A 263 29.04 -20.10 10.57
N THR A 264 29.67 -20.75 11.52
CA THR A 264 29.96 -20.15 12.81
C THR A 264 31.11 -19.18 12.64
N ILE A 265 30.87 -17.93 13.02
CA ILE A 265 31.91 -16.92 13.04
C ILE A 265 31.84 -16.22 14.40
N ASN A 266 32.98 -15.66 14.85
CA ASN A 266 33.06 -14.89 16.07
C ASN A 266 32.91 -13.42 15.74
N SER A 267 32.18 -12.71 16.60
CA SER A 267 31.57 -11.45 16.25
C SER A 267 31.45 -10.51 17.44
N ILE A 268 31.59 -9.22 17.17
CA ILE A 268 31.22 -8.13 18.09
C ILE A 268 30.16 -7.15 17.44
N VAL A 269 29.45 -6.39 18.25
CA VAL A 269 28.63 -5.30 17.77
C VAL A 269 29.22 -4.00 18.32
N HIS A 270 29.26 -2.97 17.48
CA HIS A 270 29.59 -1.60 17.88
C HIS A 270 28.36 -1.01 18.48
N THR A 271 28.57 -0.28 19.58
CA THR A 271 27.49 0.20 20.44
C THR A 271 27.29 1.72 20.35
N TYR A 272 28.29 2.46 19.87
CA TYR A 272 28.32 3.92 19.95
C TYR A 272 29.07 4.57 18.79
N GLY A 273 28.80 5.85 18.55
CA GLY A 273 29.50 6.60 17.49
C GLY A 273 28.93 6.33 16.12
N PRO A 274 29.61 6.79 15.06
CA PRO A 274 29.06 6.68 13.70
C PRO A 274 28.88 5.26 13.16
N SER A 275 29.57 4.29 13.74
CA SER A 275 29.50 2.89 13.35
C SER A 275 28.59 2.04 14.23
N GLN A 276 27.80 2.69 15.10
CA GLN A 276 26.84 2.01 15.96
C GLN A 276 26.02 1.00 15.21
N GLY A 277 25.78 -0.15 15.81
CA GLY A 277 25.00 -1.20 15.15
C GLY A 277 25.80 -2.10 14.23
N ARG A 278 27.00 -1.67 13.82
CA ARG A 278 27.88 -2.53 12.99
C ARG A 278 28.26 -3.85 13.68
N THR A 279 28.10 -4.95 12.95
CA THR A 279 28.54 -6.26 13.35
C THR A 279 29.80 -6.57 12.57
N VAL A 280 30.82 -7.06 13.29
CA VAL A 280 32.18 -7.18 12.81
C VAL A 280 32.72 -8.57 13.23
N GLU A 281 33.27 -9.32 12.27
CA GLU A 281 33.91 -10.60 12.60
C GLU A 281 35.29 -10.34 13.19
N THR A 282 35.53 -10.87 14.40
CA THR A 282 36.76 -10.67 15.17
C THR A 282 37.13 -12.03 15.73
N ASP A 283 38.42 -12.37 15.80
CA ASP A 283 38.83 -13.68 16.41
C ASP A 283 38.49 -13.72 17.91
N ASP A 284 38.49 -12.55 18.53
CA ASP A 284 38.12 -12.35 19.92
C ASP A 284 36.61 -12.42 20.26
N GLY A 285 35.73 -12.24 19.28
CA GLY A 285 34.29 -12.08 19.54
C GLY A 285 33.56 -13.34 19.97
N ARG A 286 32.24 -13.27 20.05
CA ARG A 286 31.41 -14.40 20.45
C ARG A 286 30.82 -15.13 19.23
N PRO A 287 30.62 -16.45 19.36
CA PRO A 287 30.11 -17.27 18.27
C PRO A 287 28.66 -17.00 17.84
N VAL A 288 28.52 -16.89 16.53
CA VAL A 288 27.28 -16.61 15.89
C VAL A 288 27.26 -17.51 14.64
N HIS A 289 26.11 -18.13 14.41
CA HIS A 289 25.88 -19.08 13.33
C HIS A 289 25.13 -18.39 12.19
N VAL A 290 25.87 -18.00 11.18
CA VAL A 290 25.42 -17.14 10.13
C VAL A 290 24.86 -17.95 8.95
N VAL A 291 23.62 -17.66 8.59
CA VAL A 291 22.97 -18.42 7.55
C VAL A 291 23.56 -18.02 6.20
N TYR A 292 23.76 -19.00 5.32
CA TYR A 292 24.09 -18.73 3.93
C TYR A 292 23.60 -19.86 3.02
N ASP A 293 23.73 -19.64 1.73
CA ASP A 293 23.49 -20.65 0.71
C ASP A 293 22.10 -21.25 0.89
N VAL A 294 21.11 -20.36 0.83
CA VAL A 294 19.70 -20.73 0.88
C VAL A 294 19.32 -21.44 -0.42
N ASN A 295 18.60 -22.55 -0.31
CA ASN A 295 18.09 -23.23 -1.49
C ASN A 295 16.84 -22.46 -1.97
N HIS A 296 17.04 -21.82 -3.12
CA HIS A 296 16.02 -20.97 -3.74
C HIS A 296 14.71 -21.74 -3.88
N ASP A 297 14.74 -22.82 -4.65
CA ASP A 297 13.56 -23.58 -5.01
C ASP A 297 12.85 -24.14 -3.78
N ARG A 298 13.60 -24.72 -2.85
CA ARG A 298 12.99 -25.24 -1.64
C ARG A 298 12.38 -24.16 -0.78
N PHE A 299 13.07 -23.03 -0.68
CA PHE A 299 12.55 -21.91 0.14
C PHE A 299 11.21 -21.45 -0.39
N PHE A 300 11.17 -21.11 -1.65
CA PHE A 300 9.93 -20.64 -2.25
C PHE A 300 8.85 -21.70 -2.34
N ASP A 301 9.23 -22.95 -2.58
CA ASP A 301 8.24 -24.05 -2.55
C ASP A 301 7.65 -24.23 -1.13
N TYR A 302 8.49 -24.06 -0.14
CA TYR A 302 8.09 -24.26 1.24
C TYR A 302 7.01 -23.23 1.66
N ILE A 303 7.28 -21.97 1.40
CA ILE A 303 6.36 -20.92 1.82
C ILE A 303 5.08 -20.91 0.99
N THR A 304 5.15 -21.26 -0.29
CA THR A 304 3.92 -21.49 -1.06
C THR A 304 3.16 -22.74 -0.58
N ARG A 305 3.84 -23.81 -0.16
CA ARG A 305 3.11 -24.98 0.44
C ARG A 305 2.35 -24.57 1.71
N LEU A 306 3.03 -23.84 2.59
CA LEU A 306 2.47 -23.32 3.84
C LEU A 306 1.26 -22.40 3.66
N ALA A 307 1.35 -21.49 2.69
CA ALA A 307 0.24 -20.62 2.32
C ALA A 307 -0.99 -21.40 1.81
N LYS A 308 -0.75 -22.47 1.07
CA LYS A 308 -1.84 -23.29 0.55
C LYS A 308 -2.56 -24.15 1.62
N LYS A 309 -1.97 -24.32 2.81
CA LYS A 309 -2.59 -25.16 3.89
C LYS A 309 -3.92 -24.65 4.45
N VAL A 310 -4.14 -23.35 4.31
CA VAL A 310 -5.47 -22.75 4.53
C VAL A 310 -6.23 -22.71 3.20
N MET B 1 -27.85 5.59 -23.18
CA MET B 1 -26.41 5.19 -23.37
C MET B 1 -25.50 6.36 -23.69
N LYS B 2 -24.60 6.65 -22.75
CA LYS B 2 -23.69 7.79 -22.87
C LYS B 2 -22.33 7.30 -23.35
N LYS B 3 -21.81 7.89 -24.42
CA LYS B 3 -20.44 7.66 -24.85
C LYS B 3 -19.57 8.57 -24.00
N VAL B 4 -18.57 7.97 -23.34
CA VAL B 4 -17.71 8.68 -22.39
C VAL B 4 -16.25 8.38 -22.73
N TYR B 5 -15.48 9.45 -22.80
CA TYR B 5 -14.05 9.37 -22.84
C TYR B 5 -13.55 9.79 -21.44
N PHE B 6 -12.69 8.97 -20.85
CA PHE B 6 -12.21 9.11 -19.49
C PHE B 6 -10.68 9.37 -19.42
N ASN B 7 -10.26 10.53 -18.91
CA ASN B 7 -8.87 10.88 -18.68
C ASN B 7 -8.71 10.97 -17.19
N HIS B 8 -7.78 10.18 -16.64
CA HIS B 8 -7.57 10.10 -15.21
C HIS B 8 -6.07 10.11 -14.88
N ASP B 9 -5.73 10.44 -13.64
CA ASP B 9 -4.35 10.44 -13.22
C ASP B 9 -4.03 9.42 -12.13
N GLY B 10 -4.64 8.25 -12.19
CA GLY B 10 -4.03 7.09 -11.56
C GLY B 10 -3.95 6.99 -10.05
N GLY B 11 -4.59 7.90 -9.30
CA GLY B 11 -4.76 7.68 -7.84
C GLY B 11 -5.65 6.46 -7.60
N VAL B 12 -5.81 6.02 -6.37
CA VAL B 12 -6.73 4.90 -6.05
C VAL B 12 -8.15 5.20 -6.50
N ASP B 13 -8.64 6.40 -6.23
CA ASP B 13 -9.94 6.82 -6.69
C ASP B 13 -10.16 6.82 -8.18
N ASP B 14 -9.15 7.25 -8.95
CA ASP B 14 -9.22 7.22 -10.42
C ASP B 14 -9.37 5.79 -10.91
N LEU B 15 -8.58 4.92 -10.33
CA LEU B 15 -8.61 3.50 -10.68
C LEU B 15 -9.87 2.79 -10.18
N VAL B 16 -10.36 3.16 -9.00
CA VAL B 16 -11.63 2.61 -8.55
C VAL B 16 -12.72 3.04 -9.53
N SER B 17 -12.62 4.28 -10.04
CA SER B 17 -13.67 4.87 -10.86
C SER B 17 -13.67 4.15 -12.22
N LEU B 18 -12.49 3.84 -12.75
CA LEU B 18 -12.41 3.04 -13.97
C LEU B 18 -13.18 1.75 -13.81
N PHE B 19 -12.85 1.05 -12.73
CA PHE B 19 -13.55 -0.19 -12.35
C PHE B 19 -15.04 -0.04 -12.34
N LEU B 20 -15.55 1.04 -11.70
CA LEU B 20 -17.04 1.20 -11.59
C LEU B 20 -17.74 1.62 -12.88
N LEU B 21 -17.11 2.51 -13.65
CA LEU B 21 -17.65 2.99 -14.93
C LEU B 21 -17.91 1.80 -15.85
N LEU B 22 -17.03 0.81 -15.76
CA LEU B 22 -17.11 -0.42 -16.54
C LEU B 22 -18.29 -1.32 -16.18
N GLN B 23 -18.88 -1.12 -15.00
CA GLN B 23 -20.07 -1.87 -14.54
C GLN B 23 -21.40 -1.13 -14.83
N MET B 24 -21.31 0.14 -15.20
CA MET B 24 -22.48 0.93 -15.57
C MET B 24 -23.00 0.53 -16.93
N ASP B 25 -24.24 0.04 -16.98
CA ASP B 25 -24.96 -0.34 -18.23
C ASP B 25 -25.24 0.84 -19.18
N ASN B 26 -25.28 1.98 -18.54
CA ASN B 26 -25.68 3.25 -19.03
C ASN B 26 -24.54 4.01 -19.72
N VAL B 27 -23.34 3.44 -19.62
CA VAL B 27 -22.08 4.06 -20.09
C VAL B 27 -21.29 3.13 -21.00
N GLU B 28 -20.76 3.73 -22.06
CA GLU B 28 -19.85 3.06 -22.95
C GLU B 28 -18.59 3.92 -23.05
N LEU B 29 -17.50 3.36 -22.52
CA LEU B 29 -16.20 4.04 -22.58
C LEU B 29 -15.67 3.92 -23.99
N THR B 30 -15.45 5.06 -24.66
CA THR B 30 -14.88 5.08 -26.01
C THR B 30 -13.37 5.08 -25.95
N GLY B 31 -12.82 5.50 -24.81
CA GLY B 31 -11.39 5.60 -24.65
C GLY B 31 -11.02 5.95 -23.23
N VAL B 32 -9.83 5.51 -22.84
CA VAL B 32 -9.26 5.82 -21.54
C VAL B 32 -7.86 6.34 -21.78
N SER B 33 -7.47 7.37 -21.06
CA SER B 33 -6.11 7.84 -21.06
C SER B 33 -5.65 8.25 -19.68
N VAL B 34 -4.35 8.15 -19.48
CA VAL B 34 -3.71 8.36 -18.19
C VAL B 34 -2.68 9.50 -18.25
N ILE B 35 -2.78 10.39 -17.28
CA ILE B 35 -1.87 11.52 -17.19
C ILE B 35 -1.04 11.39 -15.90
N PRO B 36 0.30 11.50 -15.99
CA PRO B 36 1.13 11.25 -14.80
C PRO B 36 1.17 12.38 -13.76
N ALA B 37 0.03 12.65 -13.17
CA ALA B 37 -0.10 13.76 -12.28
C ALA B 37 -0.01 13.18 -10.91
N ASP B 38 -1.14 12.63 -10.42
CA ASP B 38 -1.18 11.95 -9.14
C ASP B 38 -0.80 10.49 -9.29
N CYS B 39 0.12 10.21 -10.19
CA CYS B 39 0.62 8.87 -10.39
C CYS B 39 1.90 8.89 -11.17
N TYR B 40 2.66 7.80 -11.09
CA TYR B 40 3.63 7.46 -12.08
C TYR B 40 2.92 6.77 -13.22
N LEU B 41 3.36 7.06 -14.44
CA LEU B 41 2.66 6.63 -15.64
C LEU B 41 2.63 5.12 -15.81
N GLU B 42 3.79 4.47 -15.65
CA GLU B 42 3.81 3.03 -15.93
C GLU B 42 2.83 2.14 -15.10
N PRO B 43 2.82 2.26 -13.75
CA PRO B 43 1.85 1.46 -12.96
C PRO B 43 0.38 1.82 -13.23
N ALA B 44 0.09 3.08 -13.45
CA ALA B 44 -1.27 3.52 -13.75
C ALA B 44 -1.78 3.06 -15.14
N MET B 45 -0.91 3.12 -16.13
CA MET B 45 -1.19 2.51 -17.44
C MET B 45 -1.46 1.00 -17.29
N SER B 46 -0.58 0.31 -16.59
CA SER B 46 -0.70 -1.14 -16.39
C SER B 46 -1.98 -1.49 -15.64
N ALA B 47 -2.22 -0.83 -14.50
CA ALA B 47 -3.41 -1.10 -13.68
C ALA B 47 -4.71 -0.88 -14.46
N SER B 48 -4.76 0.22 -15.22
CA SER B 48 -5.90 0.51 -16.07
C SER B 48 -6.15 -0.60 -17.08
N ARG B 49 -5.08 -1.06 -17.72
CA ARG B 49 -5.18 -2.15 -18.70
C ARG B 49 -5.68 -3.43 -18.04
N LYS B 50 -5.16 -3.74 -16.85
CA LYS B 50 -5.54 -4.96 -16.13
C LYS B 50 -6.98 -4.91 -15.61
N ILE B 51 -7.44 -3.72 -15.24
CA ILE B 51 -8.81 -3.55 -14.74
C ILE B 51 -9.78 -3.71 -15.90
N ILE B 52 -9.42 -3.18 -17.06
CA ILE B 52 -10.25 -3.36 -18.25
C ILE B 52 -10.26 -4.83 -18.66
N ASP B 53 -9.10 -5.51 -18.67
CA ASP B 53 -9.07 -6.96 -18.97
C ASP B 53 -9.98 -7.72 -18.05
N ARG B 54 -9.80 -7.48 -16.77
CA ARG B 54 -10.47 -8.20 -15.70
C ARG B 54 -11.95 -7.85 -15.52
N PHE B 55 -12.30 -6.58 -15.61
CA PHE B 55 -13.65 -6.17 -15.24
C PHE B 55 -14.37 -5.43 -16.34
N GLY B 56 -13.76 -5.39 -17.54
CA GLY B 56 -14.30 -4.67 -18.67
C GLY B 56 -15.21 -5.52 -19.56
N LYS B 57 -15.76 -4.89 -20.60
CA LYS B 57 -16.60 -5.56 -21.59
C LYS B 57 -15.92 -5.52 -22.95
N ASN B 58 -16.18 -4.44 -23.70
CA ASN B 58 -15.71 -4.36 -25.07
C ASN B 58 -14.20 -4.22 -25.11
N THR B 59 -13.65 -4.30 -26.31
CA THR B 59 -12.22 -4.03 -26.50
C THR B 59 -11.99 -2.49 -26.57
N ILE B 60 -11.25 -1.93 -25.60
CA ILE B 60 -10.75 -0.54 -25.74
C ILE B 60 -9.28 -0.43 -25.47
N GLU B 61 -8.68 0.70 -25.85
CA GLU B 61 -7.27 0.99 -25.61
C GLU B 61 -7.12 2.06 -24.56
N VAL B 62 -5.94 2.07 -23.96
CA VAL B 62 -5.55 3.07 -23.00
C VAL B 62 -4.39 3.84 -23.60
N ALA B 63 -4.49 5.15 -23.64
CA ALA B 63 -3.45 5.99 -24.14
C ALA B 63 -2.69 6.67 -22.99
N ALA B 64 -1.39 6.81 -23.19
CA ALA B 64 -0.47 7.51 -22.30
C ALA B 64 -0.32 9.01 -22.63
N SER B 65 -0.51 9.87 -21.64
CA SER B 65 -0.22 11.28 -21.81
C SER B 65 1.28 11.55 -21.96
N ASN B 66 1.64 12.57 -22.71
CA ASN B 66 3.00 13.07 -22.67
C ASN B 66 2.95 14.52 -22.19
N SER B 67 1.84 14.85 -21.52
CA SER B 67 1.70 16.16 -20.89
C SER B 67 2.58 16.21 -19.68
N ARG B 68 3.00 17.43 -19.36
CA ARG B 68 3.83 17.72 -18.23
C ARG B 68 3.16 18.75 -17.36
N GLY B 69 3.33 18.62 -16.04
CA GLY B 69 2.68 19.50 -15.09
C GLY B 69 3.48 20.74 -14.78
N LYS B 70 2.79 21.82 -14.38
CA LYS B 70 3.45 22.99 -13.83
C LYS B 70 3.91 22.73 -12.41
N ASN B 71 3.01 22.11 -11.62
CA ASN B 71 3.15 22.00 -10.18
C ASN B 71 2.84 20.55 -9.81
N PRO B 72 3.89 19.69 -9.80
CA PRO B 72 3.78 18.24 -9.56
C PRO B 72 3.14 17.87 -8.19
N PHE B 73 2.43 16.75 -8.12
CA PHE B 73 1.86 16.22 -6.90
C PHE B 73 2.99 15.68 -6.01
N PRO B 74 2.76 15.57 -4.66
CA PRO B 74 3.70 14.97 -3.71
C PRO B 74 4.06 13.56 -4.13
N LYS B 75 5.34 13.20 -4.04
CA LYS B 75 5.77 11.86 -4.48
C LYS B 75 5.00 10.71 -3.78
N ASP B 76 4.69 10.85 -2.47
CA ASP B 76 4.04 9.78 -1.70
C ASP B 76 2.63 9.40 -2.20
N TRP B 77 1.85 10.39 -2.62
CA TRP B 77 0.52 10.15 -3.20
C TRP B 77 0.65 9.43 -4.55
N ARG B 78 1.68 9.81 -5.30
CA ARG B 78 1.95 9.29 -6.63
C ARG B 78 2.27 7.80 -6.72
N MET B 79 2.75 7.23 -5.62
CA MET B 79 3.10 5.79 -5.52
C MET B 79 1.94 4.81 -5.57
N HIS B 80 0.73 5.27 -5.27
CA HIS B 80 -0.41 4.39 -4.98
C HIS B 80 -0.74 3.39 -6.12
N ALA B 81 -0.56 3.82 -7.36
CA ALA B 81 -0.82 2.94 -8.50
C ALA B 81 0.12 1.72 -8.49
N PHE B 82 1.37 1.87 -8.06
CA PHE B 82 2.29 0.71 -7.93
C PHE B 82 1.62 -0.41 -7.12
N TYR B 83 0.88 -0.01 -6.08
CA TYR B 83 0.24 -0.95 -5.18
C TYR B 83 -0.97 -1.62 -5.86
N VAL B 84 -1.81 -0.79 -6.50
CA VAL B 84 -2.99 -1.29 -7.17
C VAL B 84 -2.58 -2.29 -8.29
N ASP B 85 -1.59 -1.89 -9.09
CA ASP B 85 -1.04 -2.67 -10.20
C ASP B 85 -0.47 -4.01 -9.78
N ALA B 86 -0.03 -4.11 -8.51
CA ALA B 86 0.49 -5.30 -7.89
C ALA B 86 -0.55 -6.22 -7.24
N LEU B 87 -1.83 -5.83 -7.19
CA LEU B 87 -2.82 -6.68 -6.49
C LEU B 87 -3.05 -8.02 -7.22
N PRO B 88 -3.01 -9.13 -6.47
CA PRO B 88 -3.19 -10.44 -7.10
C PRO B 88 -4.40 -10.52 -8.04
N ILE B 89 -5.55 -10.01 -7.62
CA ILE B 89 -6.77 -9.98 -8.47
C ILE B 89 -6.49 -9.50 -9.90
N LEU B 90 -5.62 -8.49 -10.01
CA LEU B 90 -5.35 -7.87 -11.28
C LEU B 90 -4.22 -8.55 -12.06
N ASN B 91 -3.49 -9.45 -11.42
CA ASN B 91 -2.37 -10.20 -12.01
C ASN B 91 -2.64 -11.69 -12.23
N GLU B 92 -3.80 -12.15 -11.76
CA GLU B 92 -4.15 -13.58 -11.77
C GLU B 92 -4.09 -14.17 -13.18
N SER B 93 -4.45 -13.39 -14.18
CA SER B 93 -4.52 -13.87 -15.57
C SER B 93 -3.15 -13.99 -16.24
N GLY B 94 -2.14 -13.32 -15.70
CA GLY B 94 -0.76 -13.47 -16.16
C GLY B 94 -0.51 -12.90 -17.53
N LYS B 95 -1.41 -12.04 -18.00
CA LYS B 95 -1.34 -11.45 -19.32
C LYS B 95 -2.02 -10.12 -19.25
N VAL B 96 -1.54 -9.15 -20.03
CA VAL B 96 -2.25 -7.89 -20.24
C VAL B 96 -2.64 -7.80 -21.69
N VAL B 97 -3.94 -7.85 -21.95
CA VAL B 97 -4.48 -7.95 -23.29
C VAL B 97 -4.75 -6.54 -23.86
N THR B 98 -5.34 -5.62 -23.09
CA THR B 98 -5.75 -4.34 -23.69
C THR B 98 -4.51 -3.55 -24.13
N HIS B 99 -4.58 -2.94 -25.33
CA HIS B 99 -3.44 -2.28 -25.96
C HIS B 99 -3.27 -0.87 -25.46
N VAL B 100 -2.02 -0.46 -25.29
CA VAL B 100 -1.65 0.93 -25.26
C VAL B 100 -1.94 1.52 -26.66
N ALA B 101 -2.65 2.62 -26.69
CA ALA B 101 -2.89 3.31 -27.92
C ALA B 101 -1.56 3.75 -28.52
N ALA B 102 -1.52 3.89 -29.84
CA ALA B 102 -0.32 4.38 -30.52
C ALA B 102 -0.09 5.87 -30.28
N LYS B 103 -1.15 6.66 -30.20
CA LYS B 103 -1.01 8.10 -30.06
C LYS B 103 -1.00 8.51 -28.58
N PRO B 104 -0.33 9.62 -28.25
CA PRO B 104 -0.38 10.17 -26.90
C PRO B 104 -1.78 10.65 -26.56
N ALA B 105 -2.10 10.79 -25.27
CA ALA B 105 -3.48 11.02 -24.84
C ALA B 105 -4.24 12.15 -25.56
N HIS B 106 -3.59 13.29 -25.77
CA HIS B 106 -4.26 14.47 -26.37
C HIS B 106 -4.66 14.23 -27.80
N HIS B 107 -3.82 13.52 -28.53
CA HIS B 107 -4.13 13.11 -29.91
C HIS B 107 -5.12 11.97 -29.95
N HIS B 108 -4.98 11.04 -29.01
CA HIS B 108 -5.95 9.97 -28.85
C HIS B 108 -7.34 10.52 -28.58
N LEU B 109 -7.42 11.55 -27.75
CA LEU B 109 -8.68 12.17 -27.40
C LEU B 109 -9.32 12.75 -28.64
N ILE B 110 -8.54 13.51 -29.42
CA ILE B 110 -8.98 14.16 -30.68
C ILE B 110 -9.55 13.16 -31.70
N GLU B 111 -8.74 12.13 -31.95
CA GLU B 111 -9.06 11.06 -32.87
C GLU B 111 -10.29 10.26 -32.45
N THR B 112 -10.39 9.95 -31.15
CA THR B 112 -11.55 9.23 -30.61
C THR B 112 -12.81 10.09 -30.74
N LEU B 113 -12.74 11.35 -30.32
CA LEU B 113 -13.93 12.25 -30.39
C LEU B 113 -14.41 12.39 -31.79
N LEU B 114 -13.49 12.67 -32.71
CA LEU B 114 -13.86 12.90 -34.10
C LEU B 114 -14.28 11.67 -34.85
N GLN B 115 -13.83 10.51 -34.44
CA GLN B 115 -14.25 9.26 -35.05
C GLN B 115 -15.56 8.67 -34.46
N THR B 116 -15.99 9.10 -33.28
CA THR B 116 -17.34 8.74 -32.81
C THR B 116 -18.41 9.65 -33.39
N GLU B 117 -19.49 9.05 -33.90
CA GLU B 117 -20.59 9.77 -34.53
C GLU B 117 -21.26 10.78 -33.60
N GLU B 118 -21.66 10.24 -32.46
CA GLU B 118 -22.36 10.97 -31.41
C GLU B 118 -21.37 11.88 -30.71
N LYS B 119 -21.88 12.95 -30.09
CA LYS B 119 -21.07 13.70 -29.13
C LYS B 119 -20.74 12.79 -27.96
N THR B 120 -19.58 13.01 -27.35
CA THR B 120 -19.16 12.21 -26.22
C THR B 120 -19.00 13.10 -24.98
N THR B 121 -19.31 12.51 -23.83
CA THR B 121 -19.10 13.16 -22.53
C THR B 121 -17.65 12.95 -22.08
N LEU B 122 -16.94 14.04 -21.80
CA LEU B 122 -15.58 13.93 -21.23
C LEU B 122 -15.66 13.88 -19.72
N LEU B 123 -14.97 12.88 -19.15
CA LEU B 123 -14.84 12.72 -17.72
C LEU B 123 -13.33 12.84 -17.37
N PHE B 124 -12.96 13.90 -16.65
CA PHE B 124 -11.57 14.09 -16.26
C PHE B 124 -11.48 14.12 -14.75
N THR B 125 -10.63 13.23 -14.18
CA THR B 125 -10.50 13.16 -12.73
C THR B 125 -9.10 13.56 -12.26
N GLY B 126 -8.27 13.95 -13.22
CA GLY B 126 -6.98 14.55 -12.92
C GLY B 126 -6.98 15.95 -13.49
N PRO B 127 -5.79 16.53 -13.70
CA PRO B 127 -5.67 17.85 -14.31
C PRO B 127 -6.20 17.88 -15.76
N LEU B 128 -6.38 19.09 -16.26
CA LEU B 128 -7.00 19.25 -17.59
C LEU B 128 -6.04 19.38 -18.74
N THR B 129 -4.75 19.13 -18.53
CA THR B 129 -3.78 19.52 -19.57
C THR B 129 -3.84 18.75 -20.87
N ASP B 130 -4.26 17.49 -20.86
CA ASP B 130 -4.44 16.75 -22.13
C ASP B 130 -5.54 17.35 -22.95
N LEU B 131 -6.57 17.88 -22.27
CA LEU B 131 -7.68 18.51 -22.97
C LEU B 131 -7.35 19.91 -23.49
N ALA B 132 -6.70 20.74 -22.68
CA ALA B 132 -6.25 22.08 -23.12
C ALA B 132 -5.47 21.93 -24.40
N ARG B 133 -4.65 20.90 -24.39
CA ARG B 133 -3.80 20.55 -25.52
C ARG B 133 -4.53 20.08 -26.75
N ALA B 134 -5.56 19.25 -26.57
CA ALA B 134 -6.41 18.80 -27.64
C ALA B 134 -7.14 20.00 -28.28
N LEU B 135 -7.67 20.87 -27.43
CA LEU B 135 -8.32 22.12 -27.88
C LEU B 135 -7.37 23.04 -28.64
N TYR B 136 -6.18 23.26 -28.11
CA TYR B 136 -5.21 24.17 -28.73
C TYR B 136 -4.89 23.69 -30.11
N GLU B 137 -4.71 22.39 -30.26
CA GLU B 137 -4.32 21.79 -31.53
C GLU B 137 -5.49 21.58 -32.47
N ALA B 138 -6.64 21.19 -31.97
CA ALA B 138 -7.80 20.89 -32.83
C ALA B 138 -9.10 21.38 -32.19
N PRO B 139 -9.34 22.72 -32.17
CA PRO B 139 -10.54 23.27 -31.51
C PRO B 139 -11.89 22.85 -32.11
N ILE B 140 -11.92 22.26 -33.32
CA ILE B 140 -13.20 21.72 -33.84
C ILE B 140 -13.78 20.67 -32.89
N ILE B 141 -12.96 20.11 -32.00
CA ILE B 141 -13.44 19.07 -31.08
C ILE B 141 -14.55 19.60 -30.15
N GLU B 142 -14.63 20.93 -29.97
CA GLU B 142 -15.75 21.57 -29.25
C GLU B 142 -17.08 21.02 -29.72
N ASN B 143 -17.20 20.83 -31.02
CA ASN B 143 -18.41 20.36 -31.63
C ASN B 143 -18.73 18.89 -31.37
N LYS B 144 -17.76 18.13 -30.87
CA LYS B 144 -18.00 16.73 -30.50
C LYS B 144 -18.18 16.49 -28.99
N ILE B 145 -18.00 17.54 -28.19
CA ILE B 145 -18.06 17.43 -26.73
C ILE B 145 -19.47 17.80 -26.25
N LYS B 146 -20.17 16.80 -25.70
CA LYS B 146 -21.49 17.00 -25.08
C LYS B 146 -21.29 17.88 -23.86
N ARG B 147 -20.41 17.43 -22.97
CA ARG B 147 -19.99 18.26 -21.86
C ARG B 147 -18.75 17.67 -21.23
N LEU B 148 -18.14 18.46 -20.36
CA LEU B 148 -17.02 18.07 -19.51
C LEU B 148 -17.54 17.95 -18.06
N VAL B 149 -17.29 16.78 -17.48
CA VAL B 149 -17.43 16.53 -16.05
C VAL B 149 -16.02 16.45 -15.51
N TRP B 150 -15.69 17.33 -14.59
CA TRP B 150 -14.34 17.43 -14.04
C TRP B 150 -14.35 17.55 -12.52
N MET B 151 -13.53 16.71 -11.91
CA MET B 151 -13.16 16.84 -10.53
C MET B 151 -12.13 17.93 -10.44
N GLY B 152 -12.50 19.09 -9.94
CA GLY B 152 -11.55 20.17 -9.74
C GLY B 152 -12.13 21.44 -9.14
N GLY B 153 -11.25 22.28 -8.63
CA GLY B 153 -11.60 23.55 -8.04
C GLY B 153 -12.19 23.49 -6.66
N THR B 154 -12.32 24.67 -6.03
CA THR B 154 -13.09 24.88 -4.79
C THR B 154 -13.47 26.38 -4.62
N PHE B 155 -14.58 26.62 -3.96
CA PHE B 155 -15.07 27.98 -3.69
C PHE B 155 -15.14 28.32 -2.20
N ARG B 156 -14.64 27.40 -1.38
CA ARG B 156 -14.18 27.70 -0.03
C ARG B 156 -12.90 28.59 -0.01
N THR B 157 -12.72 29.23 1.15
CA THR B 157 -11.54 29.99 1.60
C THR B 157 -10.16 29.27 1.45
N ALA B 158 -10.16 27.94 1.59
CA ALA B 158 -8.93 27.17 1.49
C ALA B 158 -9.13 25.87 0.72
N GLY B 159 -8.10 25.44 0.01
CA GLY B 159 -8.19 24.19 -0.76
C GLY B 159 -7.40 23.08 -0.09
N ASN B 160 -6.93 22.13 -0.88
CA ASN B 160 -6.15 20.96 -0.37
C ASN B 160 -4.66 21.04 -0.83
N VAL B 161 -4.23 22.19 -1.34
CA VAL B 161 -2.86 22.41 -1.75
C VAL B 161 -2.13 23.17 -0.69
N HIS B 162 -1.13 22.50 -0.11
CA HIS B 162 -0.30 23.10 0.95
C HIS B 162 1.17 22.97 0.58
N GLU B 163 1.62 23.89 -0.25
CA GLU B 163 2.87 23.75 -0.96
C GLU B 163 3.56 25.08 -1.00
N PRO B 164 4.91 25.05 -1.12
CA PRO B 164 5.65 26.28 -1.21
C PRO B 164 5.16 27.11 -2.41
N GLU B 165 5.32 28.42 -2.31
CA GLU B 165 4.86 29.37 -3.35
C GLU B 165 3.33 29.54 -3.41
N HIS B 166 2.54 28.72 -2.72
CA HIS B 166 1.10 28.80 -2.91
C HIS B 166 0.42 29.37 -1.67
N ASP B 167 -0.65 30.13 -1.86
CA ASP B 167 -1.40 30.75 -0.75
C ASP B 167 -2.44 29.82 -0.07
N GLY B 168 -2.56 28.59 -0.57
CA GLY B 168 -3.43 27.59 0.01
C GLY B 168 -4.91 27.70 -0.33
N THR B 169 -5.25 28.32 -1.47
CA THR B 169 -6.63 28.54 -1.90
C THR B 169 -7.06 27.69 -3.10
N ALA B 170 -6.12 26.93 -3.67
CA ALA B 170 -6.38 26.12 -4.85
C ALA B 170 -6.62 24.67 -4.48
N GLU B 171 -7.22 23.97 -5.42
CA GLU B 171 -7.42 22.55 -5.42
C GLU B 171 -6.41 21.91 -6.40
N TRP B 172 -6.04 20.66 -6.11
CA TRP B 172 -4.87 19.99 -6.72
C TRP B 172 -4.97 19.81 -8.22
N ASN B 173 -6.08 19.29 -8.74
CA ASN B 173 -6.24 19.13 -10.19
C ASN B 173 -6.10 20.44 -10.97
N SER B 174 -6.56 21.55 -10.40
N SER B 174 -6.56 21.55 -10.40
CA SER B 174 -6.35 22.86 -10.99
CA SER B 174 -6.37 22.89 -10.96
C SER B 174 -4.92 23.39 -10.78
C SER B 174 -4.93 23.41 -10.78
N PHE B 175 -4.41 23.32 -9.56
CA PHE B 175 -3.05 23.77 -9.25
C PHE B 175 -1.97 23.09 -10.11
N TRP B 176 -2.17 21.82 -10.47
CA TRP B 176 -1.17 21.05 -11.24
C TRP B 176 -0.85 21.71 -12.60
N ASP B 177 -1.88 22.34 -13.18
CA ASP B 177 -1.75 23.13 -14.40
C ASP B 177 -2.88 24.19 -14.51
N PRO B 178 -2.68 25.36 -13.87
CA PRO B 178 -3.67 26.41 -13.96
C PRO B 178 -3.90 26.94 -15.37
N GLU B 179 -2.86 26.90 -16.23
CA GLU B 179 -2.99 27.41 -17.62
C GLU B 179 -3.95 26.53 -18.43
N ALA B 180 -3.91 25.22 -18.21
CA ALA B 180 -4.85 24.31 -18.85
C ALA B 180 -6.28 24.54 -18.41
N VAL B 181 -6.49 24.90 -17.14
CA VAL B 181 -7.85 25.17 -16.66
C VAL B 181 -8.39 26.43 -17.38
N ALA B 182 -7.56 27.47 -17.46
CA ALA B 182 -7.85 28.69 -18.22
C ALA B 182 -8.27 28.44 -19.67
N ARG B 183 -7.45 27.68 -20.39
CA ARG B 183 -7.80 27.29 -21.77
C ARG B 183 -9.13 26.53 -21.87
N VAL B 184 -9.39 25.61 -20.94
CA VAL B 184 -10.61 24.84 -20.99
C VAL B 184 -11.79 25.77 -20.73
N TRP B 185 -11.60 26.74 -19.83
CA TRP B 185 -12.65 27.63 -19.46
C TRP B 185 -12.92 28.67 -20.54
N GLU B 186 -11.97 28.91 -21.45
CA GLU B 186 -12.28 29.72 -22.60
C GLU B 186 -13.02 28.94 -23.66
N ALA B 187 -12.86 27.63 -23.73
CA ALA B 187 -13.56 26.89 -24.79
C ALA B 187 -15.03 27.00 -24.63
N ASN B 188 -15.71 26.84 -25.75
CA ASN B 188 -17.15 26.77 -25.83
C ASN B 188 -17.60 25.33 -25.50
N ILE B 189 -17.61 25.00 -24.21
CA ILE B 189 -18.16 23.72 -23.76
C ILE B 189 -18.87 23.89 -22.43
N GLU B 190 -19.91 23.06 -22.19
CA GLU B 190 -20.52 22.97 -20.86
C GLU B 190 -19.64 22.16 -19.85
N ILE B 191 -19.54 22.69 -18.64
CA ILE B 191 -18.70 22.16 -17.60
C ILE B 191 -19.54 21.94 -16.34
N ASP B 192 -19.63 20.65 -15.96
CA ASP B 192 -20.06 20.19 -14.65
C ASP B 192 -18.83 19.99 -13.75
N LEU B 193 -18.85 20.62 -12.59
CA LEU B 193 -17.71 20.64 -11.71
C LEU B 193 -18.05 19.90 -10.41
N ILE B 194 -17.23 18.90 -10.07
CA ILE B 194 -17.21 18.32 -8.73
C ILE B 194 -16.06 19.01 -7.98
N THR B 195 -16.39 19.95 -7.08
CA THR B 195 -15.38 20.63 -6.26
C THR B 195 -15.06 19.84 -4.98
N LEU B 196 -14.01 20.28 -4.29
CA LEU B 196 -13.75 19.76 -2.93
C LEU B 196 -14.97 19.74 -2.01
N GLU B 197 -15.77 20.82 -2.08
CA GLU B 197 -16.98 21.03 -1.28
C GLU B 197 -18.10 20.04 -1.61
N SER B 198 -18.17 19.68 -2.89
CA SER B 198 -19.27 18.92 -3.48
C SER B 198 -19.49 17.58 -2.82
N THR B 199 -18.42 17.04 -2.21
CA THR B 199 -18.36 15.70 -1.63
C THR B 199 -18.65 15.70 -0.11
N ASN B 200 -19.07 16.86 0.43
CA ASN B 200 -19.27 17.04 1.87
C ASN B 200 -20.04 15.90 2.46
N GLN B 201 -21.13 15.52 1.79
CA GLN B 201 -22.10 14.58 2.33
C GLN B 201 -21.78 13.10 2.12
N VAL B 202 -20.64 12.82 1.48
CA VAL B 202 -20.22 11.43 1.31
C VAL B 202 -18.75 11.23 1.69
N PRO B 203 -18.47 11.30 3.00
CA PRO B 203 -17.16 10.91 3.53
C PRO B 203 -17.01 9.38 3.58
N LEU B 204 -15.88 8.86 3.09
CA LEU B 204 -15.60 7.43 3.20
C LEU B 204 -15.28 7.16 4.66
N THR B 205 -16.13 6.34 5.26
CA THR B 205 -16.17 6.16 6.69
C THR B 205 -15.71 4.73 7.04
N ILE B 206 -15.23 4.52 8.27
CA ILE B 206 -14.81 3.17 8.73
C ILE B 206 -16.01 2.23 8.76
N ASP B 207 -17.18 2.72 9.14
CA ASP B 207 -18.40 1.91 9.02
C ASP B 207 -18.67 1.46 7.57
N ILE B 208 -18.21 2.21 6.58
CA ILE B 208 -18.44 1.84 5.17
C ILE B 208 -17.34 0.87 4.69
N ARG B 209 -16.09 1.12 5.09
CA ARG B 209 -15.01 0.16 4.84
C ARG B 209 -15.33 -1.21 5.48
N GLU B 210 -15.78 -1.18 6.70
CA GLU B 210 -16.08 -2.42 7.40
C GLU B 210 -17.29 -3.18 6.82
N GLN B 211 -18.32 -2.49 6.35
CA GLN B 211 -19.46 -3.13 5.69
C GLN B 211 -19.02 -3.79 4.39
N TRP B 212 -18.10 -3.14 3.66
CA TRP B 212 -17.51 -3.77 2.48
C TRP B 212 -16.76 -5.04 2.76
N ALA B 213 -15.95 -5.01 3.82
CA ALA B 213 -15.17 -6.18 4.17
C ALA B 213 -16.07 -7.36 4.53
N LYS B 214 -17.22 -7.08 5.17
CA LYS B 214 -18.24 -8.10 5.45
C LYS B 214 -18.74 -8.80 4.17
N GLU B 215 -18.75 -8.07 3.03
CA GLU B 215 -19.26 -8.60 1.76
C GLU B 215 -18.15 -8.87 0.74
N ARG B 216 -16.95 -9.14 1.26
CA ARG B 216 -15.74 -9.57 0.51
C ARG B 216 -15.97 -10.78 -0.42
N LYS B 217 -16.99 -11.57 -0.11
CA LYS B 217 -17.46 -12.66 -0.99
C LYS B 217 -17.71 -12.20 -2.44
N TYR B 218 -18.20 -10.98 -2.62
CA TYR B 218 -18.31 -10.36 -3.94
C TYR B 218 -16.93 -9.87 -4.32
N ILE B 219 -16.40 -10.37 -5.44
CA ILE B 219 -15.01 -10.10 -5.81
C ILE B 219 -14.73 -8.62 -6.16
N GLY B 220 -15.75 -7.92 -6.67
CA GLY B 220 -15.68 -6.49 -6.92
C GLY B 220 -15.67 -5.68 -5.63
N ILE B 221 -16.39 -6.15 -4.62
CA ILE B 221 -16.36 -5.53 -3.27
C ILE B 221 -15.00 -5.79 -2.59
N ASP B 222 -14.51 -7.02 -2.71
CA ASP B 222 -13.18 -7.38 -2.20
C ASP B 222 -12.12 -6.50 -2.88
N PHE B 223 -12.28 -6.28 -4.17
CA PHE B 223 -11.35 -5.42 -4.91
C PHE B 223 -11.40 -3.96 -4.44
N LEU B 224 -12.60 -3.41 -4.30
CA LEU B 224 -12.78 -2.08 -3.70
C LEU B 224 -12.07 -1.95 -2.36
N GLY B 225 -12.28 -2.92 -1.49
CA GLY B 225 -11.62 -2.93 -0.18
C GLY B 225 -10.10 -3.03 -0.21
N GLN B 226 -9.53 -3.78 -1.15
CA GLN B 226 -8.06 -3.81 -1.30
C GLN B 226 -7.55 -2.46 -1.75
N CYS B 227 -8.23 -1.85 -2.72
CA CYS B 227 -7.87 -0.50 -3.13
C CYS B 227 -7.82 0.54 -1.96
N TYR B 228 -8.84 0.55 -1.11
CA TYR B 228 -8.91 1.55 -0.03
C TYR B 228 -8.11 1.22 1.19
N ALA B 229 -7.57 0.00 1.26
CA ALA B 229 -6.64 -0.38 2.34
C ALA B 229 -5.32 0.43 2.32
N ILE B 230 -4.94 0.78 1.11
CA ILE B 230 -3.79 1.62 0.74
C ILE B 230 -3.90 3.06 1.28
N VAL B 231 -5.12 3.55 1.49
CA VAL B 231 -5.32 4.89 2.03
C VAL B 231 -6.24 4.76 3.26
N PRO B 232 -5.72 4.10 4.31
CA PRO B 232 -6.61 3.64 5.37
C PRO B 232 -6.94 4.76 6.39
N PRO B 233 -7.81 4.44 7.35
CA PRO B 233 -7.99 5.32 8.52
C PRO B 233 -6.72 5.40 9.43
N TYR B 244 -12.68 11.52 1.46
CA TYR B 244 -13.71 11.73 0.46
C TYR B 244 -13.28 11.14 -0.88
N LEU B 245 -14.30 10.68 -1.60
CA LEU B 245 -14.18 9.89 -2.79
C LEU B 245 -14.44 10.80 -3.98
N TRP B 246 -13.55 11.78 -4.19
CA TRP B 246 -13.77 12.86 -5.15
C TRP B 246 -13.99 12.39 -6.56
N ASP B 247 -13.08 11.56 -7.04
CA ASP B 247 -13.14 11.05 -8.41
C ASP B 247 -14.28 10.05 -8.61
N VAL B 248 -14.55 9.26 -7.57
CA VAL B 248 -15.57 8.25 -7.63
C VAL B 248 -16.92 8.95 -7.76
N LEU B 249 -17.07 10.03 -7.03
CA LEU B 249 -18.31 10.80 -7.04
C LEU B 249 -18.52 11.41 -8.43
N THR B 250 -17.48 12.00 -8.98
CA THR B 250 -17.47 12.54 -10.34
C THR B 250 -17.91 11.50 -11.36
N ALA B 251 -17.33 10.31 -11.29
CA ALA B 251 -17.68 9.21 -12.21
C ALA B 251 -19.12 8.81 -12.07
N ALA B 252 -19.55 8.75 -10.80
CA ALA B 252 -20.88 8.31 -10.45
C ALA B 252 -21.94 9.32 -10.87
N PHE B 253 -21.55 10.60 -10.92
CA PHE B 253 -22.43 11.66 -11.38
C PHE B 253 -22.67 11.59 -12.90
N VAL B 254 -21.66 11.15 -13.65
CA VAL B 254 -21.81 10.81 -15.06
C VAL B 254 -22.82 9.66 -15.27
N GLY B 255 -22.67 8.60 -14.49
CA GLY B 255 -23.58 7.46 -14.56
C GLY B 255 -24.95 7.69 -13.94
N LYS B 256 -25.05 8.61 -13.00
CA LYS B 256 -26.32 8.79 -12.32
C LYS B 256 -26.46 10.24 -11.84
N ALA B 257 -26.77 11.14 -12.77
CA ALA B 257 -26.83 12.59 -12.52
C ALA B 257 -27.72 12.97 -11.37
N ASP B 258 -28.73 12.14 -11.12
CA ASP B 258 -29.71 12.40 -10.06
C ASP B 258 -29.23 12.15 -8.60
N LEU B 259 -28.00 11.70 -8.42
CA LEU B 259 -27.41 11.53 -7.09
C LEU B 259 -27.25 12.85 -6.37
N ALA B 260 -27.05 13.92 -7.14
CA ALA B 260 -26.74 15.23 -6.60
C ALA B 260 -27.50 16.29 -7.37
N LYS B 261 -27.37 17.52 -6.92
CA LYS B 261 -27.91 18.70 -7.56
C LYS B 261 -26.75 19.53 -8.10
N VAL B 262 -27.10 20.54 -8.86
CA VAL B 262 -26.12 21.38 -9.56
C VAL B 262 -26.54 22.86 -9.47
N GLN B 263 -25.63 23.75 -9.09
CA GLN B 263 -25.88 25.17 -9.07
C GLN B 263 -24.92 25.84 -10.06
N THR B 264 -25.51 26.52 -11.05
CA THR B 264 -24.76 27.23 -12.09
C THR B 264 -24.17 28.49 -11.47
N ILE B 265 -22.85 28.63 -11.53
CA ILE B 265 -22.14 29.81 -11.04
C ILE B 265 -21.24 30.34 -12.14
N ASN B 266 -20.97 31.65 -12.13
CA ASN B 266 -19.99 32.24 -13.02
C ASN B 266 -18.61 32.32 -12.34
N SER B 267 -17.57 32.00 -13.09
CA SER B 267 -16.29 31.69 -12.52
C SER B 267 -15.07 32.04 -13.40
N ILE B 268 -13.97 32.39 -12.75
CA ILE B 268 -12.66 32.50 -13.37
C ILE B 268 -11.66 31.62 -12.64
N VAL B 269 -10.55 31.32 -13.31
CA VAL B 269 -9.42 30.59 -12.69
C VAL B 269 -8.20 31.50 -12.72
N HIS B 270 -7.50 31.60 -11.59
CA HIS B 270 -6.23 32.33 -11.49
C HIS B 270 -5.18 31.46 -12.08
N THR B 271 -4.27 32.08 -12.82
CA THR B 271 -3.32 31.38 -13.66
C THR B 271 -1.84 31.56 -13.25
N TYR B 272 -1.57 32.51 -12.35
CA TYR B 272 -0.19 32.80 -11.91
C TYR B 272 -0.12 33.38 -10.49
N GLY B 273 1.09 33.38 -9.95
CA GLY B 273 1.34 33.96 -8.64
C GLY B 273 0.90 33.04 -7.53
N PRO B 274 0.87 33.55 -6.29
CA PRO B 274 0.61 32.67 -5.14
C PRO B 274 -0.80 32.08 -5.10
N SER B 275 -1.76 32.70 -5.79
CA SER B 275 -3.13 32.21 -5.86
C SER B 275 -3.41 31.38 -7.12
N GLN B 276 -2.36 30.95 -7.83
CA GLN B 276 -2.54 30.20 -9.08
C GLN B 276 -3.30 28.90 -8.85
N GLY B 277 -4.21 28.58 -9.77
CA GLY B 277 -5.14 27.44 -9.63
C GLY B 277 -6.47 27.77 -8.93
N ARG B 278 -6.53 28.90 -8.22
CA ARG B 278 -7.73 29.25 -7.47
C ARG B 278 -8.88 29.51 -8.44
N THR B 279 -10.04 28.97 -8.10
CA THR B 279 -11.29 29.20 -8.79
C THR B 279 -12.12 30.15 -7.94
N VAL B 280 -12.66 31.18 -8.60
CA VAL B 280 -13.28 32.30 -7.92
C VAL B 280 -14.59 32.59 -8.63
N GLU B 281 -15.69 32.68 -7.87
CA GLU B 281 -16.98 33.09 -8.46
C GLU B 281 -16.94 34.57 -8.72
N THR B 282 -17.30 34.97 -9.94
CA THR B 282 -17.30 36.37 -10.37
C THR B 282 -18.56 36.58 -11.20
N ASP B 283 -19.25 37.69 -11.08
CA ASP B 283 -20.44 37.85 -11.96
C ASP B 283 -20.01 37.98 -13.44
N ASP B 284 -18.76 38.40 -13.65
CA ASP B 284 -18.15 38.49 -14.96
C ASP B 284 -17.73 37.15 -15.60
N GLY B 285 -17.50 36.10 -14.80
CA GLY B 285 -16.91 34.85 -15.31
C GLY B 285 -17.79 33.99 -16.19
N ARG B 286 -17.31 32.79 -16.51
CA ARG B 286 -18.06 31.86 -17.36
C ARG B 286 -18.84 30.81 -16.55
N PRO B 287 -19.97 30.31 -17.08
CA PRO B 287 -20.83 29.38 -16.36
C PRO B 287 -20.22 28.00 -16.07
N VAL B 288 -20.48 27.53 -14.86
CA VAL B 288 -19.95 26.28 -14.39
C VAL B 288 -21.05 25.71 -13.50
N HIS B 289 -21.44 24.45 -13.70
CA HIS B 289 -22.52 23.80 -12.95
C HIS B 289 -21.96 22.96 -11.82
N VAL B 290 -22.00 23.52 -10.60
CA VAL B 290 -21.29 22.99 -9.44
C VAL B 290 -22.18 22.04 -8.67
N VAL B 291 -21.68 20.82 -8.50
CA VAL B 291 -22.42 19.75 -7.84
C VAL B 291 -22.52 20.06 -6.33
N TYR B 292 -23.70 19.81 -5.77
CA TYR B 292 -23.88 19.91 -4.33
C TYR B 292 -24.96 18.95 -3.92
N ASP B 293 -25.12 18.78 -2.61
CA ASP B 293 -26.18 18.02 -2.06
C ASP B 293 -26.19 16.59 -2.59
N VAL B 294 -25.10 15.86 -2.35
CA VAL B 294 -25.03 14.46 -2.79
C VAL B 294 -25.91 13.67 -1.83
N ASN B 295 -26.72 12.76 -2.37
CA ASN B 295 -27.50 11.82 -1.61
C ASN B 295 -26.58 10.73 -1.10
N HIS B 296 -26.33 10.74 0.21
CA HIS B 296 -25.39 9.80 0.84
C HIS B 296 -25.71 8.36 0.49
N ASP B 297 -26.90 7.93 0.89
CA ASP B 297 -27.35 6.53 0.81
C ASP B 297 -27.39 6.04 -0.61
N ARG B 298 -27.95 6.84 -1.50
CA ARG B 298 -28.02 6.48 -2.90
C ARG B 298 -26.63 6.33 -3.48
N PHE B 299 -25.74 7.30 -3.19
CA PHE B 299 -24.37 7.25 -3.69
C PHE B 299 -23.70 5.95 -3.28
N PHE B 300 -23.66 5.66 -1.99
CA PHE B 300 -22.97 4.44 -1.53
C PHE B 300 -23.72 3.17 -1.94
N ASP B 301 -25.05 3.20 -2.01
CA ASP B 301 -25.79 2.06 -2.52
C ASP B 301 -25.44 1.83 -4.00
N TYR B 302 -25.24 2.91 -4.74
CA TYR B 302 -24.97 2.83 -6.19
C TYR B 302 -23.64 2.13 -6.46
N ILE B 303 -22.57 2.61 -5.81
CA ILE B 303 -21.26 2.03 -6.04
C ILE B 303 -21.13 0.58 -5.49
N THR B 304 -21.82 0.25 -4.41
CA THR B 304 -21.79 -1.16 -3.96
C THR B 304 -22.67 -2.04 -4.86
N ARG B 305 -23.74 -1.49 -5.45
CA ARG B 305 -24.51 -2.20 -6.48
C ARG B 305 -23.60 -2.57 -7.64
N LEU B 306 -22.94 -1.55 -8.18
CA LEU B 306 -22.03 -1.68 -9.31
C LEU B 306 -20.91 -2.68 -9.06
N ALA B 307 -20.22 -2.57 -7.92
CA ALA B 307 -19.17 -3.54 -7.54
C ALA B 307 -19.68 -4.97 -7.55
N LYS B 308 -20.91 -5.17 -7.10
CA LYS B 308 -21.49 -6.53 -7.02
C LYS B 308 -21.90 -7.12 -8.39
N LYS B 309 -21.94 -6.32 -9.45
CA LYS B 309 -22.29 -6.83 -10.79
C LYS B 309 -21.22 -7.79 -11.35
N VAL B 310 -20.00 -7.75 -10.80
CA VAL B 310 -18.96 -8.79 -11.04
C VAL B 310 -19.14 -9.93 -10.06
#